data_7Q6Z
#
_entry.id   7Q6Z
#
_cell.length_a   1.00
_cell.length_b   1.00
_cell.length_c   1.00
_cell.angle_alpha   90.00
_cell.angle_beta   90.00
_cell.angle_gamma   90.00
#
_symmetry.space_group_name_H-M   'P 1'
#
loop_
_entity.id
_entity.type
_entity.pdbx_description
1 polymer 'Protein-cysteine N-palmitoyltransferase HHAT'
2 polymer 'Megabody 177'
3 non-polymer CHOLESTEROL
4 non-polymer 'PROTOPORPHYRIN IX CONTAINING FE'
5 non-polymer 2-(2-methylpropylamino)-1-[(4R)-4-(6-methylpyridin-2-yl)-6,7-dihydro-4H-thieno[3,2-c]pyridin-5-yl]ethanone
6 non-polymer 'PALMITIC ACID'
#
loop_
_entity_poly.entity_id
_entity_poly.type
_entity_poly.pdbx_seq_one_letter_code
_entity_poly.pdbx_strand_id
1 'polypeptide(L)'
;MLPRWELALYLLASLGFHFYSFYEVYKVSREHEEELDQEFELETDTLFGGLKKDATDFEWSFWMEWGKQWLVWLLLGHMV
VSQMATLLARKHRPWILMLYGMWACWCVLGTPGVAMVLLHTTISFCVAQFRSQLLTWLCSLLLLSTLRLQGVEEVKRRWY
KTENEYYLLQFTLTVRCLYYTNFSLELCWQQLPAASTSYSFPWMLAYVFYYPVLHNGPILSFSEFIKQMQQQEHDSLKAS
LCVLALGLGRLLCWWWLAELMAHLMYMHAIYSSIPLLETVSCWTLGGLALAQVLFFYVKYLVLFGVPALLMRLDGLTPPA
LPRCVSTMFSFTGMWRYFDVGLHNFLIRYVYIPVGGSQHGLLGTLFSTAMTFAFVSYWHGGYDYLWCWAALNWLGVTVEN
GVRRLVETPCIQDSLARYFSPQARRRFHAALASCSTSMLILSNLVFLGGNEVGKTYWNRIFIQGWPWVTLSVLGFLYCYS
HVGIAWAQTYATDGTETSQVAPA
;
A
2 'polypeptide(L)'
;MKYLLPTAAAGLLLLAAQPAMAQVQLVESGGGLVKEETQSGLNNYARVVEKGQYDSLEIPAQVAASWESGRDDAAVFGFI
DKEQLDKYVANGGKRSDWTVKFAENRSQDGTLLGYSLLQESVDQASYMYSDNHYLAEMATILGKPEEAKRYRQLAQQLAD
YINTCMFDPTTQFYYDVRIEDKPLANGCAGKPIVERGKGPEGWSPLFNGAATQANADAVVKVMLDPKEFNTFVPLGTAAL
TNPAFGADIYWRGRVWVDQFWFGLKGMERYGYRDDALKLADTFFRHAKGLTADGPIQENYNPLTGAQQGAPNFSWSAAHL
YMLYNDFFRKQASGGGSGGGGSGGGGSGNADNYKNVINRTGAPQYMKDYDYDDHQRFNPFFDLGAWHGHLLPDGPNTMGG
FPGVALLTEEYINFMASNFDRLTVWQDGKKVDFTLEAYSIPGALVQKLTAKDVQVEMTLRFATPRTSLLETKITSNKPLD
LVWDGELLEKLEAKEGKPLSDKTIAGEYPDYQRKISATRDGLKVTFGKVRATWDLLTSGESEYQVHKSLPVQTEINGNRF
TSKAHINGSTTLYTTYSHLLTAQEVSKEQMQIRDILARPAFYLTASQQRWEEYLKKGLTNPDATPEQTRVAVKAIETLNG
NWRSPGGAVKFNTVTPSVTGRWFSGNQTWPWDTWKQAFAMAHFNPDIAKENIRAVFSWQIQPGDSVRPQDVGFVPDLIAW
NLSPERGGDGGNWNERNTKPSLAAWSVMEVYNVTQDKTWVAEMYPKLVAYHDWWLRNRDHNGNGVPEYGATRDKAHNTES
GEMLFTVKKSLRLSCTASGAIFSTYDVSWYRQAPEKPRELVAIITRGGNTHYADTVKGRFTISRDNAKKTVNLQMNSLKP
EDTAVYYCHAGVQGAMLGPRNYWGQGTQVTVSSHHHHHH
;
B
#
# COMPACT_ATOMS: atom_id res chain seq x y z
N MET A 1 14.56 -29.40 13.73
CA MET A 1 13.51 -30.42 13.39
C MET A 1 13.63 -31.28 12.12
N LEU A 2 14.59 -30.95 11.28
CA LEU A 2 14.82 -31.66 10.04
C LEU A 2 16.30 -32.00 9.90
N PRO A 3 16.64 -33.09 9.19
CA PRO A 3 18.04 -33.33 8.87
C PRO A 3 18.60 -32.17 8.05
N ARG A 4 19.87 -31.86 8.30
CA ARG A 4 20.48 -30.69 7.66
C ARG A 4 20.40 -30.80 6.14
N TRP A 5 20.56 -32.01 5.60
CA TRP A 5 20.55 -32.17 4.15
C TRP A 5 19.20 -31.79 3.56
N GLU A 6 18.11 -32.18 4.22
CA GLU A 6 16.79 -31.85 3.69
C GLU A 6 16.56 -30.33 3.68
N LEU A 7 16.92 -29.65 4.77
CA LEU A 7 16.75 -28.21 4.82
C LEU A 7 17.62 -27.53 3.77
N ALA A 8 18.84 -28.02 3.58
CA ALA A 8 19.71 -27.46 2.56
C ALA A 8 19.09 -27.63 1.18
N LEU A 9 18.54 -28.81 0.90
CA LEU A 9 17.90 -29.04 -0.40
C LEU A 9 16.73 -28.10 -0.60
N TYR A 10 15.90 -27.93 0.42
CA TYR A 10 14.76 -27.02 0.31
C TYR A 10 15.22 -25.61 0.02
N LEU A 11 16.25 -25.14 0.74
CA LEU A 11 16.73 -23.78 0.55
C LEU A 11 17.31 -23.60 -0.85
N LEU A 12 18.07 -24.58 -1.33
CA LEU A 12 18.63 -24.48 -2.66
C LEU A 12 17.52 -24.44 -3.71
N ALA A 13 16.48 -25.25 -3.55
CA ALA A 13 15.36 -25.19 -4.48
C ALA A 13 14.66 -23.84 -4.43
N SER A 14 14.51 -23.29 -3.23
CA SER A 14 13.82 -22.01 -3.10
C SER A 14 14.58 -20.91 -3.82
N LEU A 15 15.86 -20.75 -3.50
CA LEU A 15 16.67 -19.78 -4.21
C LEU A 15 16.70 -20.10 -5.69
N GLY A 16 16.63 -21.39 -6.05
CA GLY A 16 16.64 -21.75 -7.44
C GLY A 16 15.48 -21.15 -8.20
N PHE A 17 14.25 -21.35 -7.71
CA PHE A 17 13.17 -20.84 -8.54
C PHE A 17 13.02 -19.33 -8.41
N HIS A 18 13.39 -18.72 -7.28
CA HIS A 18 13.46 -17.26 -7.27
C HIS A 18 14.36 -16.74 -8.38
N PHE A 19 15.61 -17.22 -8.43
CA PHE A 19 16.54 -16.65 -9.40
C PHE A 19 16.17 -17.04 -10.82
N TYR A 20 15.67 -18.26 -11.03
CA TYR A 20 15.26 -18.66 -12.38
C TYR A 20 14.09 -17.83 -12.87
N SER A 21 13.09 -17.61 -12.02
CA SER A 21 11.95 -16.81 -12.43
C SER A 21 12.35 -15.36 -12.67
N PHE A 22 13.27 -14.84 -11.86
CA PHE A 22 13.79 -13.52 -12.14
C PHE A 22 14.51 -13.47 -13.48
N TYR A 23 15.23 -14.54 -13.83
CA TYR A 23 15.86 -14.60 -15.15
C TYR A 23 14.81 -14.57 -16.26
N GLU A 24 13.71 -15.31 -16.08
CA GLU A 24 12.65 -15.29 -17.07
C GLU A 24 12.04 -13.89 -17.21
N VAL A 25 11.82 -13.22 -16.08
CA VAL A 25 11.27 -11.87 -16.12
C VAL A 25 12.24 -10.94 -16.84
N TYR A 26 13.54 -11.07 -16.56
CA TYR A 26 14.53 -10.24 -17.22
C TYR A 26 14.53 -10.46 -18.72
N LYS A 27 14.48 -11.72 -19.15
CA LYS A 27 14.45 -12.01 -20.58
C LYS A 27 13.21 -11.40 -21.23
N VAL A 28 12.04 -11.57 -20.61
CA VAL A 28 10.81 -11.03 -21.18
C VAL A 28 10.88 -9.51 -21.26
N SER A 29 11.38 -8.87 -20.21
CA SER A 29 11.51 -7.41 -20.22
C SER A 29 12.45 -6.97 -21.33
N ARG A 30 13.54 -7.70 -21.54
CA ARG A 30 14.45 -7.36 -22.62
C ARG A 30 13.78 -7.47 -23.98
N GLU A 31 12.98 -8.53 -24.18
CA GLU A 31 12.37 -8.75 -25.49
C GLU A 31 11.41 -7.63 -25.85
N HIS A 32 10.59 -7.19 -24.90
CA HIS A 32 9.56 -6.17 -25.15
C HIS A 32 10.02 -4.77 -24.79
N GLU A 33 11.33 -4.51 -24.75
CA GLU A 33 11.83 -3.21 -24.30
C GLU A 33 11.27 -2.09 -25.16
N GLU A 34 11.34 -2.24 -26.49
CA GLU A 34 10.93 -1.16 -27.37
C GLU A 34 9.44 -0.84 -27.22
N GLU A 35 8.60 -1.86 -27.15
CA GLU A 35 7.17 -1.64 -27.01
C GLU A 35 6.85 -0.93 -25.71
N LEU A 36 7.45 -1.37 -24.61
CA LEU A 36 7.21 -0.72 -23.32
C LEU A 36 7.68 0.73 -23.35
N ASP A 37 8.85 0.99 -23.94
CA ASP A 37 9.33 2.36 -24.06
C ASP A 37 8.35 3.22 -24.84
N GLN A 38 7.84 2.70 -25.96
CA GLN A 38 6.87 3.44 -26.74
C GLN A 38 5.51 3.53 -26.04
N GLU A 39 5.28 2.74 -25.00
CA GLU A 39 3.98 2.71 -24.33
C GLU A 39 4.03 3.43 -22.99
N PHE A 40 4.97 3.09 -22.11
CA PHE A 40 5.04 3.68 -20.78
C PHE A 40 6.30 4.52 -20.56
N GLU A 41 7.02 4.86 -21.63
CA GLU A 41 8.10 5.84 -21.58
C GLU A 41 9.09 5.53 -20.45
N LEU A 42 9.77 4.40 -20.60
CA LEU A 42 10.80 4.03 -19.64
C LEU A 42 11.85 5.13 -19.54
N GLU A 43 12.28 5.41 -18.32
CA GLU A 43 13.24 6.48 -18.08
C GLU A 43 14.65 6.01 -18.44
N THR A 44 15.55 6.98 -18.58
CA THR A 44 16.92 6.73 -18.97
C THR A 44 17.86 7.27 -17.90
N ASP A 45 18.89 6.48 -17.58
CA ASP A 45 19.87 6.88 -16.58
C ASP A 45 21.17 6.15 -16.86
N THR A 46 22.25 6.66 -16.27
CA THR A 46 23.57 6.05 -16.36
C THR A 46 23.95 5.30 -15.09
N LEU A 47 22.99 5.07 -14.19
CA LEU A 47 23.31 4.40 -12.93
C LEU A 47 23.86 3.00 -13.17
N PHE A 48 23.25 2.25 -14.09
CA PHE A 48 23.64 0.88 -14.39
C PHE A 48 23.85 0.78 -15.91
N GLY A 49 25.06 1.13 -16.36
CA GLY A 49 25.38 0.97 -17.76
C GLY A 49 24.37 1.68 -18.64
N GLY A 50 23.90 0.97 -19.67
CA GLY A 50 22.92 1.48 -20.60
C GLY A 50 21.49 1.10 -20.31
N LEU A 51 21.20 0.55 -19.13
CA LEU A 51 19.84 0.14 -18.82
C LEU A 51 18.92 1.36 -18.75
N LYS A 52 17.65 1.14 -19.06
CA LYS A 52 16.62 2.17 -18.96
C LYS A 52 15.65 1.80 -17.84
N LYS A 53 15.43 2.74 -16.93
CA LYS A 53 14.59 2.48 -15.76
C LYS A 53 13.12 2.47 -16.14
N ASP A 54 12.34 1.72 -15.36
CA ASP A 54 10.89 1.68 -15.48
C ASP A 54 10.30 2.36 -14.26
N ALA A 55 9.85 3.61 -14.44
CA ALA A 55 9.30 4.41 -13.35
C ALA A 55 7.78 4.43 -13.35
N THR A 56 7.15 3.40 -13.92
CA THR A 56 5.69 3.32 -13.89
C THR A 56 5.16 3.14 -12.48
N ASP A 57 6.02 2.75 -11.53
CA ASP A 57 5.65 2.77 -10.13
C ASP A 57 5.42 4.20 -9.68
N PHE A 58 4.45 4.40 -8.80
CA PHE A 58 4.13 5.75 -8.37
C PHE A 58 4.86 6.11 -7.08
N GLU A 59 4.76 5.25 -6.07
CA GLU A 59 5.33 5.59 -4.77
C GLU A 59 6.84 5.79 -4.88
N TRP A 60 7.53 4.88 -5.57
CA TRP A 60 8.98 4.95 -5.64
C TRP A 60 9.43 6.22 -6.35
N SER A 61 8.92 6.46 -7.55
CA SER A 61 9.34 7.64 -8.29
C SER A 61 8.99 8.91 -7.53
N PHE A 62 7.78 8.96 -6.96
CA PHE A 62 7.34 10.13 -6.23
C PHE A 62 8.26 10.43 -5.05
N TRP A 63 8.53 9.42 -4.22
CA TRP A 63 9.31 9.66 -3.02
C TRP A 63 10.76 9.95 -3.35
N MET A 64 11.32 9.30 -4.37
CA MET A 64 12.69 9.64 -4.76
C MET A 64 12.77 11.07 -5.27
N GLU A 65 11.79 11.49 -6.07
CA GLU A 65 11.77 12.85 -6.57
C GLU A 65 11.79 13.82 -5.40
N TRP A 66 10.88 13.63 -4.45
CA TRP A 66 10.85 14.55 -3.31
C TRP A 66 12.14 14.48 -2.51
N GLY A 67 12.65 13.29 -2.26
CA GLY A 67 13.84 13.13 -1.47
C GLY A 67 14.97 13.94 -2.06
N LYS A 68 15.11 13.90 -3.38
CA LYS A 68 16.08 14.79 -4.00
C LYS A 68 15.71 16.25 -3.77
N GLN A 69 14.44 16.60 -3.99
CA GLN A 69 14.05 18.01 -3.92
C GLN A 69 14.26 18.61 -2.55
N TRP A 70 13.54 18.13 -1.54
CA TRP A 70 13.52 18.79 -0.24
C TRP A 70 13.70 17.86 0.95
N LEU A 71 13.12 16.67 0.91
CA LEU A 71 12.99 15.88 2.13
C LEU A 71 14.35 15.50 2.72
N VAL A 72 15.32 15.15 1.88
CA VAL A 72 16.61 14.73 2.41
C VAL A 72 17.27 15.87 3.17
N TRP A 73 17.24 17.08 2.61
CA TRP A 73 17.84 18.23 3.29
C TRP A 73 17.13 18.52 4.60
N LEU A 74 15.80 18.46 4.60
CA LEU A 74 15.06 18.74 5.81
C LEU A 74 15.31 17.67 6.88
N LEU A 75 15.55 16.43 6.46
CA LEU A 75 15.88 15.40 7.43
C LEU A 75 17.28 15.62 8.00
N LEU A 76 18.23 16.03 7.17
CA LEU A 76 19.54 16.39 7.69
C LEU A 76 19.43 17.55 8.68
N GLY A 77 18.60 18.55 8.35
CA GLY A 77 18.39 19.64 9.27
C GLY A 77 17.78 19.19 10.57
N HIS A 78 16.82 18.26 10.50
CA HIS A 78 16.23 17.73 11.72
C HIS A 78 17.27 17.02 12.57
N MET A 79 18.14 16.23 11.95
CA MET A 79 19.23 15.60 12.67
C MET A 79 20.11 16.65 13.36
N VAL A 80 20.51 17.68 12.62
CA VAL A 80 21.40 18.69 13.17
C VAL A 80 20.73 19.41 14.34
N VAL A 81 19.46 19.77 14.17
CA VAL A 81 18.76 20.52 15.21
C VAL A 81 18.55 19.64 16.43
N SER A 82 18.26 18.35 16.24
CA SER A 82 18.10 17.46 17.37
C SER A 82 19.39 17.35 18.16
N GLN A 83 20.52 17.17 17.47
CA GLN A 83 21.80 17.10 18.16
C GLN A 83 22.10 18.42 18.87
N MET A 84 21.83 19.55 18.22
CA MET A 84 22.08 20.85 18.83
C MET A 84 21.25 21.03 20.09
N ALA A 85 19.98 20.65 20.03
CA ALA A 85 19.14 20.77 21.22
C ALA A 85 19.63 19.84 22.33
N THR A 86 20.02 18.61 21.99
CA THR A 86 20.49 17.68 23.00
C THR A 86 21.77 18.18 23.66
N LEU A 87 22.62 18.86 22.91
CA LEU A 87 23.88 19.38 23.45
C LEU A 87 23.69 20.66 24.25
N LEU A 88 23.07 21.68 23.65
CA LEU A 88 22.89 22.96 24.34
C LEU A 88 21.99 22.79 25.57
N ALA A 89 20.73 22.41 25.35
CA ALA A 89 19.80 22.26 26.45
C ALA A 89 18.69 21.27 26.08
N ARG A 90 18.78 20.03 26.58
CA ARG A 90 17.78 19.03 26.25
C ARG A 90 16.45 19.29 26.93
N LYS A 91 16.43 20.17 27.94
CA LYS A 91 15.19 20.38 28.69
C LYS A 91 14.05 20.79 27.79
N HIS A 92 14.35 21.50 26.69
CA HIS A 92 13.34 22.00 25.77
C HIS A 92 13.39 21.28 24.42
N ARG A 93 13.92 20.06 24.39
CA ARG A 93 14.03 19.35 23.12
C ARG A 93 12.68 19.10 22.46
N PRO A 94 11.64 18.63 23.18
CA PRO A 94 10.37 18.34 22.49
C PRO A 94 9.80 19.53 21.73
N TRP A 95 9.84 20.72 22.33
CA TRP A 95 9.28 21.89 21.67
C TRP A 95 10.16 22.38 20.54
N ILE A 96 11.48 22.24 20.65
CA ILE A 96 12.35 22.56 19.53
C ILE A 96 12.04 21.66 18.35
N LEU A 97 11.88 20.36 18.61
CA LEU A 97 11.55 19.42 17.54
C LEU A 97 10.20 19.74 16.93
N MET A 98 9.22 20.08 17.77
CA MET A 98 7.91 20.46 17.25
C MET A 98 8.01 21.69 16.34
N LEU A 99 8.76 22.70 16.77
CA LEU A 99 8.92 23.89 15.94
C LEU A 99 9.60 23.55 14.62
N TYR A 100 10.62 22.71 14.65
CA TYR A 100 11.28 22.32 13.41
C TYR A 100 10.34 21.56 12.49
N GLY A 101 9.50 20.70 13.07
CA GLY A 101 8.51 20.00 12.27
C GLY A 101 7.53 20.94 11.62
N MET A 102 7.04 21.92 12.38
CA MET A 102 6.14 22.92 11.80
C MET A 102 6.83 23.68 10.67
N TRP A 103 8.08 24.08 10.88
CA TRP A 103 8.80 24.83 9.85
C TRP A 103 9.00 23.99 8.59
N ALA A 104 9.36 22.71 8.76
CA ALA A 104 9.54 21.84 7.60
C ALA A 104 8.23 21.61 6.86
N CYS A 105 7.15 21.38 7.60
CA CYS A 105 5.84 21.24 6.97
C CYS A 105 5.47 22.49 6.20
N TRP A 106 5.76 23.66 6.77
CA TRP A 106 5.53 24.91 6.04
C TRP A 106 6.37 24.98 4.78
N CYS A 107 7.64 24.60 4.87
CA CYS A 107 8.53 24.71 3.72
C CYS A 107 8.06 23.83 2.57
N VAL A 108 7.65 22.59 2.86
CA VAL A 108 7.23 21.67 1.80
C VAL A 108 5.76 21.81 1.44
N LEU A 109 4.98 22.54 2.22
CA LEU A 109 3.55 22.70 1.93
C LEU A 109 3.04 24.11 2.14
N GLY A 110 3.88 25.05 2.59
CA GLY A 110 3.42 26.39 2.88
C GLY A 110 2.33 26.42 3.93
N THR A 111 1.85 27.62 4.26
CA THR A 111 0.71 27.72 5.17
C THR A 111 -0.47 26.88 4.72
N PRO A 112 -0.81 26.80 3.43
CA PRO A 112 -1.92 25.95 3.02
C PRO A 112 -1.55 24.49 3.10
N GLY A 113 -1.77 23.91 4.28
CA GLY A 113 -1.49 22.52 4.55
C GLY A 113 -0.92 22.33 5.94
N VAL A 114 -0.07 23.25 6.38
CA VAL A 114 0.20 23.33 7.82
C VAL A 114 -1.06 23.74 8.54
N ALA A 115 -1.81 24.69 7.97
CA ALA A 115 -3.10 25.03 8.54
C ALA A 115 -4.04 23.84 8.53
N MET A 116 -4.02 23.04 7.48
CA MET A 116 -4.91 21.88 7.42
C MET A 116 -4.57 20.87 8.52
N VAL A 117 -3.28 20.59 8.69
CA VAL A 117 -2.86 19.66 9.74
C VAL A 117 -3.25 20.21 11.10
N LEU A 118 -3.04 21.51 11.33
CA LEU A 118 -3.40 22.11 12.60
C LEU A 118 -4.90 22.02 12.85
N LEU A 119 -5.70 22.29 11.82
CA LEU A 119 -7.15 22.22 11.97
C LEU A 119 -7.61 20.80 12.31
N HIS A 120 -7.07 19.80 11.61
CA HIS A 120 -7.42 18.42 11.91
C HIS A 120 -7.05 18.07 13.34
N THR A 121 -5.83 18.43 13.75
CA THR A 121 -5.36 18.10 15.08
C THR A 121 -6.23 18.78 16.14
N THR A 122 -6.57 20.05 15.93
CA THR A 122 -7.37 20.79 16.89
C THR A 122 -8.77 20.21 17.01
N ILE A 123 -9.39 19.87 15.87
CA ILE A 123 -10.72 19.28 15.92
C ILE A 123 -10.67 17.95 16.65
N SER A 124 -9.66 17.13 16.36
CA SER A 124 -9.52 15.86 17.06
C SER A 124 -9.34 16.08 18.55
N PHE A 125 -8.55 17.08 18.94
CA PHE A 125 -8.32 17.37 20.34
C PHE A 125 -9.63 17.76 21.04
N CYS A 126 -10.38 18.68 20.43
CA CYS A 126 -11.64 19.10 21.02
C CYS A 126 -12.61 17.93 21.16
N VAL A 127 -12.71 17.11 20.10
CA VAL A 127 -13.59 15.94 20.19
C VAL A 127 -13.12 15.02 21.30
N ALA A 128 -11.79 14.91 21.49
CA ALA A 128 -11.26 14.08 22.56
C ALA A 128 -11.67 14.61 23.92
N GLN A 129 -11.83 15.93 24.05
CA GLN A 129 -12.31 16.47 25.32
C GLN A 129 -13.62 15.83 25.76
N PHE A 130 -14.47 15.44 24.82
CA PHE A 130 -15.73 14.79 25.17
C PHE A 130 -15.50 13.41 25.77
N ARG A 131 -14.34 12.81 25.52
CA ARG A 131 -13.99 11.53 26.14
C ARG A 131 -14.99 10.44 25.79
N SER A 132 -15.08 10.10 24.51
CA SER A 132 -15.93 8.98 24.08
C SER A 132 -15.28 8.34 22.87
N GLN A 133 -14.87 7.08 23.01
CA GLN A 133 -14.13 6.42 21.93
C GLN A 133 -14.89 6.50 20.62
N LEU A 134 -16.21 6.29 20.67
CA LEU A 134 -17.00 6.37 19.45
C LEU A 134 -16.89 7.75 18.82
N LEU A 135 -16.93 8.80 19.64
CA LEU A 135 -16.84 10.15 19.10
C LEU A 135 -15.50 10.37 18.42
N THR A 136 -14.41 9.91 19.04
CA THR A 136 -13.09 10.10 18.44
C THR A 136 -12.97 9.33 17.13
N TRP A 137 -13.45 8.09 17.09
CA TRP A 137 -13.38 7.33 15.86
C TRP A 137 -14.21 7.99 14.77
N LEU A 138 -15.40 8.50 15.13
CA LEU A 138 -16.23 9.18 14.14
C LEU A 138 -15.54 10.42 13.60
N CYS A 139 -14.90 11.20 14.48
CA CYS A 139 -14.19 12.38 14.03
C CYS A 139 -13.06 12.02 13.08
N SER A 140 -12.28 11.00 13.42
CA SER A 140 -11.17 10.59 12.54
C SER A 140 -11.70 10.12 11.20
N LEU A 141 -12.75 9.29 11.21
CA LEU A 141 -13.30 8.79 9.96
C LEU A 141 -13.84 9.92 9.10
N LEU A 142 -14.53 10.89 9.72
CA LEU A 142 -15.06 12.00 8.95
C LEU A 142 -13.95 12.85 8.36
N LEU A 143 -12.88 13.07 9.12
CA LEU A 143 -11.74 13.82 8.58
C LEU A 143 -11.13 13.09 7.39
N LEU A 144 -10.97 11.77 7.50
CA LEU A 144 -10.41 11.01 6.39
C LEU A 144 -11.34 11.09 5.18
N SER A 145 -12.64 10.96 5.38
CA SER A 145 -13.57 11.09 4.27
C SER A 145 -13.46 12.46 3.63
N THR A 146 -13.36 13.53 4.42
CA THR A 146 -13.15 14.86 3.86
C THR A 146 -11.89 14.86 3.00
N LEU A 147 -10.83 14.19 3.46
CA LEU A 147 -9.65 14.04 2.61
C LEU A 147 -10.00 13.34 1.31
N ARG A 148 -10.99 12.45 1.32
CA ARG A 148 -11.39 11.72 0.12
C ARG A 148 -12.48 12.41 -0.70
N LEU A 149 -13.02 13.54 -0.24
CA LEU A 149 -14.09 14.19 -0.98
C LEU A 149 -13.56 14.86 -2.24
N GLN A 150 -14.47 15.16 -3.16
CA GLN A 150 -14.08 15.70 -4.46
C GLN A 150 -13.85 17.21 -4.39
N GLY A 151 -14.83 17.95 -3.88
CA GLY A 151 -14.67 19.39 -3.79
C GLY A 151 -13.47 19.78 -2.95
N VAL A 152 -13.24 19.05 -1.86
CA VAL A 152 -12.04 19.26 -1.06
C VAL A 152 -10.80 19.03 -1.91
N GLU A 153 -10.82 17.97 -2.73
CA GLU A 153 -9.69 17.70 -3.61
C GLU A 153 -9.44 18.86 -4.56
N GLU A 154 -10.50 19.43 -5.11
CA GLU A 154 -10.33 20.52 -6.08
C GLU A 154 -9.77 21.77 -5.40
N VAL A 155 -10.32 22.13 -4.23
CA VAL A 155 -9.81 23.32 -3.54
C VAL A 155 -8.36 23.12 -3.16
N LYS A 156 -7.99 21.91 -2.71
CA LYS A 156 -6.59 21.66 -2.38
C LYS A 156 -5.71 21.72 -3.61
N ARG A 157 -6.17 21.17 -4.74
CA ARG A 157 -5.38 21.21 -5.96
C ARG A 157 -5.12 22.65 -6.39
N ARG A 158 -6.09 23.53 -6.14
CA ARG A 158 -5.92 24.92 -6.56
C ARG A 158 -4.68 25.56 -5.95
N TRP A 159 -4.33 25.22 -4.71
CA TRP A 159 -3.27 25.91 -3.99
C TRP A 159 -1.86 25.55 -4.47
N TYR A 160 -1.69 24.39 -5.12
CA TYR A 160 -0.35 23.86 -5.40
C TYR A 160 -0.12 23.85 -6.90
N LYS A 161 0.98 24.49 -7.32
CA LYS A 161 1.29 24.58 -8.74
C LYS A 161 1.55 23.21 -9.34
N THR A 162 2.26 22.35 -8.63
CA THR A 162 2.62 21.02 -9.11
C THR A 162 1.80 19.97 -8.37
N GLU A 163 1.32 18.98 -9.12
CA GLU A 163 0.44 17.97 -8.53
C GLU A 163 1.16 17.18 -7.44
N ASN A 164 2.45 16.93 -7.62
CA ASN A 164 3.20 16.16 -6.65
C ASN A 164 3.06 16.75 -5.25
N GLU A 165 3.02 18.08 -5.15
CA GLU A 165 2.79 18.69 -3.85
C GLU A 165 1.42 18.31 -3.30
N TYR A 166 0.40 18.25 -4.15
CA TYR A 166 -0.90 17.84 -3.66
C TYR A 166 -0.87 16.41 -3.15
N TYR A 167 -0.17 15.52 -3.85
CA TYR A 167 -0.13 14.13 -3.38
C TYR A 167 0.67 14.01 -2.09
N LEU A 168 1.73 14.81 -1.94
CA LEU A 168 2.44 14.84 -0.67
C LEU A 168 1.51 15.28 0.44
N LEU A 169 0.69 16.30 0.19
CA LEU A 169 -0.27 16.72 1.20
C LEU A 169 -1.27 15.61 1.51
N GLN A 170 -1.72 14.88 0.49
CA GLN A 170 -2.65 13.79 0.71
C GLN A 170 -2.06 12.73 1.62
N PHE A 171 -0.82 12.30 1.34
CA PHE A 171 -0.18 11.28 2.17
C PHE A 171 0.05 11.79 3.59
N THR A 172 0.53 13.03 3.73
CA THR A 172 0.76 13.60 5.05
C THR A 172 -0.52 13.59 5.87
N LEU A 173 -1.64 14.00 5.27
CA LEU A 173 -2.88 14.04 6.04
C LEU A 173 -3.42 12.63 6.30
N THR A 174 -3.23 11.70 5.36
CA THR A 174 -3.69 10.34 5.61
C THR A 174 -2.96 9.73 6.81
N VAL A 175 -1.67 10.04 6.99
CA VAL A 175 -0.98 9.52 8.17
C VAL A 175 -1.30 10.33 9.43
N ARG A 176 -1.45 11.66 9.32
CA ARG A 176 -1.90 12.42 10.47
C ARG A 176 -3.21 11.86 11.00
N CYS A 177 -4.05 11.34 10.12
CA CYS A 177 -5.29 10.71 10.59
C CYS A 177 -5.00 9.68 11.66
N LEU A 178 -4.09 8.74 11.37
CA LEU A 178 -3.76 7.71 12.33
C LEU A 178 -3.09 8.32 13.57
N TYR A 179 -2.21 9.30 13.38
CA TYR A 179 -1.48 9.81 14.53
C TYR A 179 -2.41 10.49 15.54
N TYR A 180 -3.22 11.44 15.08
CA TYR A 180 -4.09 12.10 16.05
C TYR A 180 -5.25 11.22 16.47
N THR A 181 -5.65 10.21 15.68
CA THR A 181 -6.61 9.24 16.18
C THR A 181 -6.03 8.43 17.33
N ASN A 182 -4.79 7.98 17.20
CA ASN A 182 -4.12 7.29 18.29
C ASN A 182 -4.07 8.17 19.53
N PHE A 183 -3.63 9.43 19.38
CA PHE A 183 -3.52 10.29 20.56
C PHE A 183 -4.89 10.52 21.19
N SER A 184 -5.90 10.80 20.37
CA SER A 184 -7.23 11.06 20.90
C SER A 184 -7.77 9.85 21.65
N LEU A 185 -7.59 8.65 21.10
CA LEU A 185 -8.06 7.48 21.81
C LEU A 185 -7.34 7.30 23.13
N GLU A 186 -6.02 7.53 23.14
CA GLU A 186 -5.28 7.43 24.40
C GLU A 186 -5.82 8.43 25.42
N LEU A 187 -6.15 9.64 24.97
CA LEU A 187 -6.71 10.63 25.88
C LEU A 187 -8.01 10.15 26.50
N CYS A 188 -8.86 9.50 25.72
CA CYS A 188 -10.14 9.02 26.23
C CYS A 188 -9.93 8.02 27.35
N THR A 197 -0.92 16.53 32.95
CA THR A 197 0.26 17.18 32.41
C THR A 197 0.75 16.47 31.16
N SER A 198 0.63 15.14 31.15
CA SER A 198 1.09 14.36 30.01
C SER A 198 0.29 14.70 28.75
N TYR A 199 -1.02 14.84 28.89
CA TYR A 199 -1.92 15.02 27.75
C TYR A 199 -2.39 16.47 27.74
N SER A 200 -1.70 17.31 26.97
CA SER A 200 -2.08 18.69 26.80
C SER A 200 -1.81 19.08 25.36
N PHE A 201 -2.49 20.13 24.91
CA PHE A 201 -2.41 20.52 23.51
C PHE A 201 -0.96 20.68 23.07
N PRO A 202 -0.08 21.25 23.89
CA PRO A 202 1.34 21.30 23.49
C PRO A 202 1.91 19.93 23.19
N TRP A 203 1.58 18.91 23.99
CA TRP A 203 2.10 17.57 23.73
C TRP A 203 1.51 17.00 22.45
N MET A 204 0.23 17.24 22.19
CA MET A 204 -0.37 16.70 20.97
C MET A 204 0.23 17.36 19.74
N LEU A 205 0.50 18.67 19.81
CA LEU A 205 1.19 19.33 18.71
C LEU A 205 2.60 18.80 18.54
N ALA A 206 3.29 18.50 19.65
CA ALA A 206 4.61 17.92 19.55
C ALA A 206 4.58 16.56 18.87
N TYR A 207 3.57 15.75 19.19
CA TYR A 207 3.47 14.43 18.60
C TYR A 207 3.12 14.50 17.12
N VAL A 208 2.09 15.28 16.78
CA VAL A 208 1.63 15.30 15.40
C VAL A 208 2.71 15.83 14.47
N PHE A 209 3.34 16.94 14.84
CA PHE A 209 4.36 17.56 14.01
C PHE A 209 5.75 17.02 14.32
N TYR A 210 5.90 15.71 14.32
CA TYR A 210 7.20 15.07 14.50
C TYR A 210 7.74 14.75 13.12
N TYR A 211 8.76 15.48 12.70
CA TYR A 211 9.14 15.43 11.29
C TYR A 211 9.53 14.05 10.78
N PRO A 212 10.31 13.24 11.50
CA PRO A 212 10.77 11.98 10.91
C PRO A 212 9.65 11.13 10.34
N VAL A 213 8.50 11.10 11.01
CA VAL A 213 7.37 10.27 10.59
C VAL A 213 6.21 11.14 10.10
N LEU A 214 6.49 12.39 9.74
CA LEU A 214 5.42 13.29 9.33
C LEU A 214 4.71 12.77 8.08
N HIS A 215 5.44 12.68 6.97
CA HIS A 215 4.82 12.39 5.68
C HIS A 215 4.37 10.94 5.55
N ASN A 216 5.32 10.01 5.59
CA ASN A 216 5.00 8.60 5.48
C ASN A 216 6.05 7.83 6.29
N GLY A 217 5.70 7.53 7.53
CA GLY A 217 6.61 6.90 8.44
C GLY A 217 5.91 5.92 9.36
N PRO A 218 6.67 5.10 10.05
CA PRO A 218 6.06 4.10 10.93
C PRO A 218 5.21 4.77 12.00
N ILE A 219 4.09 4.14 12.31
CA ILE A 219 3.14 4.68 13.27
C ILE A 219 3.72 4.51 14.67
N LEU A 220 4.22 5.61 15.24
CA LEU A 220 4.92 5.58 16.52
C LEU A 220 3.89 5.81 17.63
N SER A 221 3.68 4.79 18.46
CA SER A 221 2.70 4.87 19.53
C SER A 221 3.04 5.99 20.49
N PHE A 222 2.02 6.76 20.89
CA PHE A 222 2.24 7.92 21.75
C PHE A 222 2.94 7.52 23.04
N SER A 223 2.69 6.30 23.52
CA SER A 223 3.34 5.86 24.74
C SER A 223 4.85 5.93 24.61
N GLU A 224 5.41 5.34 23.56
CA GLU A 224 6.85 5.39 23.36
C GLU A 224 7.33 6.82 23.19
N PHE A 225 6.60 7.62 22.39
CA PHE A 225 7.05 8.98 22.14
C PHE A 225 7.15 9.78 23.44
N ILE A 226 6.07 9.78 24.23
CA ILE A 226 6.07 10.56 25.47
C ILE A 226 7.11 10.01 26.43
N LYS A 227 7.23 8.68 26.52
CA LYS A 227 8.14 8.11 27.51
C LYS A 227 9.60 8.40 27.16
N GLN A 228 10.01 8.14 25.92
CA GLN A 228 11.42 8.33 25.58
C GLN A 228 11.78 9.80 25.39
N MET A 229 10.88 10.60 24.81
CA MET A 229 11.21 12.01 24.66
C MET A 229 11.33 12.69 26.03
N GLN A 230 10.46 12.32 26.96
CA GLN A 230 10.55 12.82 28.33
C GLN A 230 11.73 12.25 29.09
N GLN A 231 12.41 11.25 28.54
CA GLN A 231 13.56 10.64 29.21
C GLN A 231 14.64 11.68 29.44
N GLN A 232 15.52 11.38 30.41
CA GLN A 232 16.61 12.27 30.80
C GLN A 232 17.97 11.61 30.65
N GLU A 233 18.08 10.63 29.75
CA GLU A 233 19.33 9.93 29.52
C GLU A 233 19.50 9.68 28.03
N HIS A 234 20.74 9.79 27.57
CA HIS A 234 21.06 9.62 26.15
C HIS A 234 22.46 9.07 26.00
N ASP A 235 22.75 8.54 24.82
CA ASP A 235 24.06 8.00 24.52
C ASP A 235 25.01 9.12 24.10
N SER A 236 26.28 8.76 23.90
CA SER A 236 27.29 9.75 23.54
C SER A 236 27.17 10.13 22.06
N LEU A 237 27.81 11.26 21.72
CA LEU A 237 27.82 11.71 20.34
C LEU A 237 28.53 10.72 19.43
N LYS A 238 29.60 10.11 19.92
CA LYS A 238 30.34 9.14 19.12
C LYS A 238 29.46 7.95 18.73
N ALA A 239 28.69 7.44 19.68
CA ALA A 239 27.77 6.34 19.39
C ALA A 239 26.73 6.76 18.37
N SER A 240 26.22 7.99 18.50
CA SER A 240 25.26 8.48 17.52
C SER A 240 25.87 8.53 16.13
N LEU A 241 27.12 9.01 16.03
CA LEU A 241 27.78 9.06 14.73
C LEU A 241 27.96 7.67 14.14
N CYS A 242 28.37 6.70 14.98
CA CYS A 242 28.56 5.35 14.49
C CYS A 242 27.25 4.76 13.98
N VAL A 243 26.16 4.96 14.74
CA VAL A 243 24.86 4.45 14.32
C VAL A 243 24.42 5.12 13.03
N LEU A 244 24.65 6.42 12.91
CA LEU A 244 24.30 7.13 11.69
C LEU A 244 25.06 6.55 10.49
N ALA A 245 26.36 6.31 10.66
CA ALA A 245 27.16 5.77 9.56
C ALA A 245 26.65 4.41 9.13
N LEU A 246 26.42 3.51 10.10
CA LEU A 246 25.95 2.17 9.74
C LEU A 246 24.57 2.22 9.09
N GLY A 247 23.66 3.01 9.65
CA GLY A 247 22.33 3.10 9.09
C GLY A 247 22.35 3.67 7.68
N LEU A 248 23.18 4.68 7.45
CA LEU A 248 23.29 5.26 6.12
C LEU A 248 23.89 4.27 5.13
N GLY A 249 24.86 3.47 5.55
CA GLY A 249 25.36 2.41 4.67
C GLY A 249 24.27 1.44 4.28
N ARG A 250 23.48 0.99 5.26
CA ARG A 250 22.43 0.02 4.96
C ARG A 250 21.35 0.65 4.07
N LEU A 251 21.00 1.91 4.31
CA LEU A 251 20.03 2.58 3.45
C LEU A 251 20.54 2.69 2.02
N LEU A 252 21.82 3.02 1.86
CA LEU A 252 22.35 3.11 0.51
C LEU A 252 22.32 1.75 -0.18
N CYS A 253 22.64 0.68 0.55
CA CYS A 253 22.56 -0.66 -0.04
C CYS A 253 21.12 -0.99 -0.46
N TRP A 254 20.15 -0.67 0.39
CA TRP A 254 18.75 -0.96 0.07
C TRP A 254 18.29 -0.15 -1.14
N TRP A 255 18.68 1.12 -1.21
CA TRP A 255 18.32 1.93 -2.38
C TRP A 255 18.97 1.38 -3.64
N TRP A 256 20.22 0.93 -3.54
CA TRP A 256 20.87 0.34 -4.71
C TRP A 256 20.13 -0.91 -5.16
N LEU A 257 19.69 -1.74 -4.22
CA LEU A 257 18.92 -2.93 -4.59
C LEU A 257 17.60 -2.56 -5.25
N ALA A 258 16.92 -1.52 -4.73
CA ALA A 258 15.68 -1.08 -5.34
C ALA A 258 15.93 -0.62 -6.77
N GLU A 259 16.99 0.14 -7.01
CA GLU A 259 17.31 0.58 -8.36
C GLU A 259 17.67 -0.61 -9.25
N LEU A 260 18.38 -1.60 -8.71
CA LEU A 260 18.71 -2.77 -9.49
C LEU A 260 17.45 -3.47 -9.99
N MET A 261 16.49 -3.69 -9.09
CA MET A 261 15.26 -4.35 -9.53
C MET A 261 14.45 -3.46 -10.45
N ALA A 262 14.51 -2.14 -10.27
CA ALA A 262 13.78 -1.26 -11.18
C ALA A 262 14.35 -1.32 -12.58
N HIS A 263 15.68 -1.41 -12.70
CA HIS A 263 16.31 -1.41 -14.02
C HIS A 263 16.19 -2.78 -14.69
N LEU A 264 16.65 -3.83 -14.02
CA LEU A 264 16.69 -5.14 -14.66
C LEU A 264 15.30 -5.59 -15.08
N MET A 265 14.31 -5.43 -14.21
CA MET A 265 12.96 -5.94 -14.42
C MET A 265 12.00 -4.79 -14.66
N TYR A 266 11.29 -4.83 -15.78
CA TYR A 266 10.19 -3.92 -16.05
C TYR A 266 8.88 -4.52 -15.57
N MET A 267 8.86 -4.94 -14.29
CA MET A 267 7.67 -5.61 -13.75
C MET A 267 6.47 -4.69 -13.79
N HIS A 268 6.64 -3.41 -13.42
CA HIS A 268 5.51 -2.50 -13.39
C HIS A 268 4.94 -2.28 -14.79
N ALA A 269 5.82 -2.12 -15.79
CA ALA A 269 5.33 -1.97 -17.15
C ALA A 269 4.57 -3.21 -17.59
N ILE A 270 5.07 -4.40 -17.25
CA ILE A 270 4.38 -5.63 -17.62
C ILE A 270 3.01 -5.70 -16.97
N TYR A 271 2.90 -5.18 -15.74
CA TYR A 271 1.61 -5.21 -15.06
C TYR A 271 0.67 -4.12 -15.56
N SER A 272 1.19 -3.06 -16.18
CA SER A 272 0.31 -2.03 -16.70
C SER A 272 -0.38 -2.48 -17.99
N SER A 273 0.33 -3.20 -18.85
CA SER A 273 -0.23 -3.68 -20.12
C SER A 273 -0.70 -5.11 -19.90
N ILE A 274 -1.95 -5.24 -19.46
CA ILE A 274 -2.53 -6.55 -19.17
C ILE A 274 -2.38 -7.48 -20.36
N PRO A 275 -2.55 -7.02 -21.60
CA PRO A 275 -2.39 -7.95 -22.74
C PRO A 275 -1.09 -8.71 -22.72
N LEU A 276 0.02 -8.06 -22.36
CA LEU A 276 1.28 -8.79 -22.24
C LEU A 276 1.22 -9.80 -21.11
N LEU A 277 0.66 -9.41 -19.97
CA LEU A 277 0.64 -10.30 -18.81
C LEU A 277 -0.09 -11.60 -19.09
N GLU A 278 -1.03 -11.59 -20.04
CA GLU A 278 -1.83 -12.77 -20.33
C GLU A 278 -1.26 -13.61 -21.46
N THR A 279 -0.02 -13.33 -21.91
CA THR A 279 0.59 -14.11 -22.98
C THR A 279 2.07 -14.39 -22.71
N VAL A 280 2.47 -14.54 -21.45
CA VAL A 280 3.85 -14.86 -21.11
C VAL A 280 3.91 -16.24 -20.49
N SER A 281 5.10 -16.83 -20.44
CA SER A 281 5.26 -18.16 -19.88
C SER A 281 4.96 -18.14 -18.38
N CYS A 282 4.38 -19.24 -17.89
CA CYS A 282 3.98 -19.30 -16.50
C CYS A 282 5.16 -19.06 -15.55
N TRP A 283 6.35 -19.51 -15.94
CA TRP A 283 7.53 -19.18 -15.15
C TRP A 283 7.67 -17.67 -15.01
N THR A 284 7.48 -16.94 -16.11
CA THR A 284 7.50 -15.48 -16.05
C THR A 284 6.40 -14.96 -15.13
N LEU A 285 5.27 -15.65 -15.07
CA LEU A 285 4.17 -15.18 -14.24
C LEU A 285 4.53 -15.28 -12.76
N GLY A 286 5.06 -16.43 -12.34
CA GLY A 286 5.53 -16.54 -10.97
C GLY A 286 6.66 -15.58 -10.67
N GLY A 287 7.59 -15.42 -11.61
CA GLY A 287 8.66 -14.46 -11.44
C GLY A 287 8.17 -13.04 -11.27
N LEU A 288 7.17 -12.63 -12.04
CA LEU A 288 6.59 -11.31 -11.87
C LEU A 288 5.93 -11.16 -10.51
N ALA A 289 5.20 -12.17 -10.05
CA ALA A 289 4.59 -12.08 -8.72
C ALA A 289 5.65 -11.87 -7.65
N LEU A 290 6.69 -12.72 -7.65
CA LEU A 290 7.72 -12.61 -6.62
C LEU A 290 8.48 -11.31 -6.73
N ALA A 291 8.80 -10.88 -7.95
CA ALA A 291 9.51 -9.62 -8.11
C ALA A 291 8.68 -8.46 -7.62
N GLN A 292 7.37 -8.50 -7.86
CA GLN A 292 6.50 -7.45 -7.36
C GLN A 292 6.54 -7.37 -5.84
N VAL A 293 6.28 -8.50 -5.17
CA VAL A 293 6.22 -8.44 -3.72
C VAL A 293 7.58 -8.05 -3.14
N LEU A 294 8.66 -8.53 -3.75
CA LEU A 294 9.99 -8.21 -3.22
C LEU A 294 10.36 -6.75 -3.46
N PHE A 295 9.97 -6.19 -4.61
CA PHE A 295 10.21 -4.77 -4.81
C PHE A 295 9.39 -3.94 -3.84
N PHE A 296 8.16 -4.34 -3.56
CA PHE A 296 7.39 -3.62 -2.55
C PHE A 296 8.08 -3.69 -1.21
N TYR A 297 8.59 -4.85 -0.84
CA TYR A 297 9.28 -4.96 0.43
C TYR A 297 10.50 -4.05 0.47
N VAL A 298 11.28 -4.01 -0.60
CA VAL A 298 12.47 -3.15 -0.59
C VAL A 298 12.08 -1.69 -0.56
N LYS A 299 10.98 -1.33 -1.21
CA LYS A 299 10.54 0.06 -1.20
C LYS A 299 10.13 0.50 0.20
N TYR A 300 9.36 -0.34 0.89
CA TYR A 300 9.01 -0.02 2.28
C TYR A 300 10.08 -0.43 3.27
N LEU A 301 11.24 -0.89 2.79
CA LEU A 301 12.43 -0.92 3.61
C LEU A 301 13.15 0.42 3.53
N VAL A 302 13.37 0.92 2.31
CA VAL A 302 14.05 2.18 2.12
C VAL A 302 13.26 3.34 2.73
N LEU A 303 11.95 3.37 2.50
CA LEU A 303 11.16 4.50 2.98
C LEU A 303 10.98 4.47 4.49
N PHE A 304 10.94 3.30 5.10
CA PHE A 304 10.76 3.18 6.54
C PHE A 304 12.07 3.09 7.31
N GLY A 305 13.21 3.03 6.62
CA GLY A 305 14.48 3.02 7.31
C GLY A 305 15.02 4.40 7.58
N VAL A 306 14.51 5.41 6.87
CA VAL A 306 14.97 6.78 7.07
C VAL A 306 14.32 7.37 8.31
N PRO A 307 12.99 7.39 8.42
CA PRO A 307 12.38 7.75 9.71
C PRO A 307 12.89 6.89 10.85
N ALA A 308 13.02 5.59 10.63
CA ALA A 308 13.54 4.71 11.68
C ALA A 308 14.96 5.08 12.04
N LEU A 309 15.78 5.40 11.04
CA LEU A 309 17.15 5.80 11.31
C LEU A 309 17.21 7.06 12.16
N LEU A 310 16.42 8.08 11.79
CA LEU A 310 16.42 9.32 12.54
C LEU A 310 15.94 9.10 13.97
N MET A 311 14.84 8.37 14.14
CA MET A 311 14.32 8.17 15.49
C MET A 311 15.26 7.31 16.32
N ARG A 312 16.01 6.42 15.69
CA ARG A 312 17.07 5.70 16.39
C ARG A 312 18.15 6.67 16.87
N LEU A 313 18.53 7.63 16.01
CA LEU A 313 19.52 8.60 16.41
C LEU A 313 19.00 9.59 17.44
N ASP A 314 17.67 9.71 17.58
CA ASP A 314 17.07 10.56 18.60
C ASP A 314 16.82 9.82 19.90
N GLY A 315 17.13 8.52 19.97
CA GLY A 315 16.89 7.72 21.14
C GLY A 315 15.55 7.01 21.16
N LEU A 316 14.64 7.36 20.25
CA LEU A 316 13.37 6.67 20.17
C LEU A 316 13.56 5.24 19.71
N THR A 317 12.58 4.39 20.01
CA THR A 317 12.61 2.99 19.58
C THR A 317 11.52 2.76 18.55
N PRO A 318 11.83 2.77 17.26
CA PRO A 318 10.79 2.62 16.24
C PRO A 318 10.28 1.19 16.18
N PRO A 319 9.12 0.96 15.58
CA PRO A 319 8.69 -0.41 15.31
C PRO A 319 9.69 -1.12 14.39
N ALA A 320 9.86 -2.41 14.62
CA ALA A 320 10.82 -3.18 13.85
C ALA A 320 10.49 -3.12 12.37
N LEU A 321 11.54 -3.04 11.54
CA LEU A 321 11.36 -2.95 10.11
C LEU A 321 10.82 -4.26 9.54
N PRO A 322 10.24 -4.22 8.35
CA PRO A 322 9.69 -5.45 7.77
C PRO A 322 10.76 -6.50 7.55
N ARG A 323 10.34 -7.77 7.63
CA ARG A 323 11.23 -8.90 7.40
C ARG A 323 11.02 -9.44 6.00
N CYS A 324 12.13 -9.77 5.35
CA CYS A 324 12.14 -10.16 3.95
C CYS A 324 10.94 -11.05 3.63
N VAL A 325 10.17 -10.64 2.63
CA VAL A 325 8.88 -11.26 2.33
C VAL A 325 9.09 -12.55 1.54
N SER A 326 10.34 -12.97 1.37
CA SER A 326 10.63 -14.29 0.85
C SER A 326 10.72 -15.33 1.96
N THR A 327 10.47 -14.93 3.22
CA THR A 327 10.40 -15.85 4.34
C THR A 327 9.10 -15.71 5.10
N MET A 328 8.07 -15.18 4.44
CA MET A 328 6.75 -15.00 5.03
C MET A 328 5.80 -16.00 4.38
N PHE A 329 5.12 -16.80 5.21
CA PHE A 329 4.37 -17.95 4.73
C PHE A 329 2.93 -17.95 5.22
N SER A 330 2.43 -16.83 5.72
CA SER A 330 1.10 -16.85 6.33
C SER A 330 0.52 -15.44 6.29
N PHE A 331 -0.81 -15.38 6.40
CA PHE A 331 -1.48 -14.08 6.48
C PHE A 331 -1.20 -13.42 7.82
N THR A 332 -1.34 -14.17 8.92
CA THR A 332 -1.09 -13.61 10.24
C THR A 332 0.38 -13.29 10.50
N GLY A 333 1.28 -14.17 10.10
CA GLY A 333 2.69 -13.90 10.33
C GLY A 333 3.13 -12.61 9.67
N MET A 334 2.76 -12.42 8.41
CA MET A 334 3.24 -11.25 7.68
C MET A 334 2.31 -10.06 7.87
N TRP A 335 1.19 -10.26 8.55
CA TRP A 335 0.44 -9.16 9.14
C TRP A 335 1.05 -8.68 10.44
N ARG A 336 1.77 -9.55 11.14
CA ARG A 336 2.44 -9.18 12.38
C ARG A 336 3.82 -8.58 12.17
N TYR A 337 4.57 -9.05 11.17
CA TYR A 337 5.98 -8.68 11.06
C TYR A 337 6.25 -7.61 10.00
N PHE A 338 5.65 -7.72 8.82
CA PHE A 338 5.99 -6.76 7.77
C PHE A 338 5.67 -5.33 8.20
N ASP A 339 4.43 -5.09 8.63
CA ASP A 339 4.00 -3.76 9.06
C ASP A 339 3.76 -3.82 10.57
N VAL A 340 4.84 -3.57 11.32
CA VAL A 340 4.76 -3.73 12.77
C VAL A 340 3.96 -2.60 13.39
N GLY A 341 4.21 -1.36 12.98
CA GLY A 341 3.54 -0.23 13.58
C GLY A 341 2.04 -0.27 13.39
N LEU A 342 1.61 -0.47 12.14
CA LEU A 342 0.19 -0.57 11.86
C LEU A 342 -0.42 -1.78 12.55
N HIS A 343 0.32 -2.88 12.67
CA HIS A 343 -0.22 -4.05 13.37
C HIS A 343 -0.47 -3.73 14.84
N ASN A 344 0.50 -3.11 15.51
CA ASN A 344 0.32 -2.75 16.90
C ASN A 344 -0.87 -1.81 17.05
N PHE A 345 -0.98 -0.84 16.16
CA PHE A 345 -2.11 0.09 16.23
C PHE A 345 -3.43 -0.66 16.07
N LEU A 346 -3.51 -1.53 15.06
CA LEU A 346 -4.76 -2.23 14.79
C LEU A 346 -5.15 -3.18 15.92
N ILE A 347 -4.17 -3.70 16.65
CA ILE A 347 -4.49 -4.61 17.74
C ILE A 347 -4.94 -3.79 18.94
N ARG A 348 -4.12 -2.81 19.34
CA ARG A 348 -4.44 -2.06 20.55
C ARG A 348 -5.76 -1.32 20.41
N TYR A 349 -5.98 -0.70 19.26
CA TYR A 349 -7.22 -0.01 18.95
C TYR A 349 -7.95 -0.80 17.87
N VAL A 350 -9.10 -0.29 17.44
CA VAL A 350 -9.82 -0.88 16.31
C VAL A 350 -10.30 -2.29 16.64
N TYR A 351 -9.37 -3.18 17.01
CA TYR A 351 -9.69 -4.59 17.22
C TYR A 351 -10.19 -4.84 18.64
N ILE A 352 -9.37 -4.51 19.64
CA ILE A 352 -9.70 -4.80 21.03
C ILE A 352 -11.00 -4.13 21.43
N PRO A 353 -11.20 -2.83 21.15
CA PRO A 353 -12.45 -2.18 21.58
C PRO A 353 -13.69 -2.87 21.07
N VAL A 354 -13.69 -3.35 19.83
CA VAL A 354 -14.89 -4.00 19.30
C VAL A 354 -15.19 -5.28 20.07
N GLY A 355 -14.17 -5.92 20.64
CA GLY A 355 -14.37 -7.13 21.41
C GLY A 355 -13.31 -8.19 21.15
N GLY A 356 -12.79 -8.21 19.93
CA GLY A 356 -11.74 -9.15 19.62
C GLY A 356 -12.21 -10.59 19.66
N SER A 357 -11.28 -11.49 19.97
CA SER A 357 -11.54 -12.92 19.96
C SER A 357 -11.80 -13.49 21.35
N GLN A 358 -11.94 -12.63 22.35
CA GLN A 358 -12.14 -13.08 23.73
C GLN A 358 -13.60 -13.31 24.07
N HIS A 359 -14.54 -13.03 23.17
CA HIS A 359 -15.97 -13.19 23.42
C HIS A 359 -16.61 -13.91 22.22
N GLY A 360 -16.63 -15.23 22.29
CA GLY A 360 -17.32 -16.02 21.28
C GLY A 360 -16.61 -15.99 19.94
N LEU A 361 -16.83 -17.05 19.16
CA LEU A 361 -16.24 -17.12 17.82
C LEU A 361 -16.77 -16.01 16.92
N LEU A 362 -18.08 -15.75 16.98
CA LEU A 362 -18.64 -14.63 16.22
C LEU A 362 -17.93 -13.35 16.59
N GLY A 363 -17.55 -13.20 17.86
CA GLY A 363 -16.78 -12.04 18.25
C GLY A 363 -15.49 -11.92 17.48
N THR A 364 -14.76 -13.03 17.32
CA THR A 364 -13.54 -13.02 16.53
C THR A 364 -13.83 -12.67 15.07
N LEU A 365 -14.81 -13.34 14.47
CA LEU A 365 -15.09 -13.11 13.05
C LEU A 365 -15.60 -11.71 12.76
N PHE A 366 -16.14 -11.01 13.76
CA PHE A 366 -16.55 -9.62 13.53
C PHE A 366 -15.47 -8.62 13.90
N SER A 367 -14.68 -8.89 14.95
CA SER A 367 -13.57 -8.00 15.24
C SER A 367 -12.58 -7.98 14.09
N THR A 368 -12.23 -9.16 13.57
CA THR A 368 -11.30 -9.21 12.45
C THR A 368 -11.90 -8.56 11.22
N ALA A 369 -13.19 -8.77 10.98
CA ALA A 369 -13.84 -8.17 9.82
C ALA A 369 -13.82 -6.65 9.91
N MET A 370 -14.12 -6.10 11.09
CA MET A 370 -14.09 -4.65 11.25
C MET A 370 -12.67 -4.11 11.14
N THR A 371 -11.70 -4.82 11.70
CA THR A 371 -10.31 -4.37 11.58
C THR A 371 -9.90 -4.30 10.11
N PHE A 372 -10.24 -5.32 9.33
CA PHE A 372 -9.84 -5.31 7.92
C PHE A 372 -10.64 -4.30 7.12
N ALA A 373 -11.90 -4.07 7.48
CA ALA A 373 -12.66 -3.00 6.82
C ALA A 373 -12.00 -1.65 7.05
N PHE A 374 -11.59 -1.37 8.27
CA PHE A 374 -10.91 -0.10 8.53
C PHE A 374 -9.58 -0.04 7.81
N VAL A 375 -8.83 -1.14 7.77
CA VAL A 375 -7.53 -1.12 7.09
C VAL A 375 -7.72 -0.86 5.61
N SER A 376 -8.71 -1.49 4.99
CA SER A 376 -8.99 -1.22 3.59
C SER A 376 -9.40 0.22 3.37
N TYR A 377 -10.29 0.73 4.21
CA TYR A 377 -10.77 2.10 4.04
C TYR A 377 -9.64 3.11 4.18
N TRP A 378 -8.72 2.87 5.12
CA TRP A 378 -7.67 3.84 5.36
C TRP A 378 -6.80 4.04 4.13
N HIS A 379 -6.45 2.95 3.44
CA HIS A 379 -5.56 3.05 2.30
C HIS A 379 -6.20 3.84 1.16
N GLY A 380 -7.50 4.08 1.24
CA GLY A 380 -8.18 4.87 0.23
C GLY A 380 -9.56 4.39 -0.13
N GLY A 381 -9.80 3.09 -0.02
CA GLY A 381 -11.13 2.54 -0.20
C GLY A 381 -11.49 2.16 -1.62
N TYR A 382 -10.56 2.22 -2.57
CA TYR A 382 -10.87 1.81 -3.92
C TYR A 382 -11.34 0.35 -3.93
N ASP A 383 -11.88 -0.07 -5.08
CA ASP A 383 -12.45 -1.41 -5.16
C ASP A 383 -11.40 -2.49 -4.93
N TYR A 384 -10.24 -2.35 -5.55
CA TYR A 384 -9.23 -3.40 -5.42
C TYR A 384 -8.73 -3.53 -4.00
N LEU A 385 -8.69 -2.42 -3.26
CA LEU A 385 -8.37 -2.49 -1.84
C LEU A 385 -9.39 -3.28 -1.05
N TRP A 386 -10.68 -3.11 -1.34
CA TRP A 386 -11.71 -3.92 -0.71
C TRP A 386 -11.58 -5.40 -1.05
N CYS A 387 -11.26 -5.74 -2.30
CA CYS A 387 -11.03 -7.14 -2.65
C CYS A 387 -9.83 -7.70 -1.91
N TRP A 388 -8.72 -6.96 -1.84
CA TRP A 388 -7.55 -7.46 -1.13
C TRP A 388 -7.86 -7.66 0.35
N ALA A 389 -8.58 -6.73 0.96
CA ALA A 389 -8.92 -6.88 2.37
C ALA A 389 -9.89 -8.03 2.61
N ALA A 390 -10.84 -8.28 1.70
CA ALA A 390 -11.71 -9.44 1.86
C ALA A 390 -10.91 -10.73 1.77
N LEU A 391 -9.98 -10.82 0.82
CA LEU A 391 -9.12 -12.00 0.74
C LEU A 391 -8.36 -12.19 2.04
N ASN A 392 -7.77 -11.11 2.57
CA ASN A 392 -7.01 -11.23 3.80
C ASN A 392 -7.91 -11.65 4.96
N TRP A 393 -9.14 -11.12 5.01
CA TRP A 393 -10.05 -11.50 6.08
C TRP A 393 -10.34 -12.98 6.05
N LEU A 394 -10.68 -13.50 4.87
CA LEU A 394 -10.95 -14.93 4.77
C LEU A 394 -9.73 -15.74 5.16
N GLY A 395 -8.55 -15.34 4.68
CA GLY A 395 -7.35 -16.09 4.98
C GLY A 395 -7.04 -16.11 6.47
N VAL A 396 -7.10 -14.94 7.11
CA VAL A 396 -6.78 -14.85 8.53
C VAL A 396 -7.78 -15.64 9.35
N THR A 397 -9.07 -15.52 9.04
CA THR A 397 -10.08 -16.25 9.79
C THR A 397 -9.91 -17.75 9.63
N VAL A 398 -9.67 -18.22 8.42
CA VAL A 398 -9.52 -19.65 8.17
C VAL A 398 -8.30 -20.16 8.91
N GLU A 399 -7.20 -19.42 8.85
CA GLU A 399 -5.98 -19.86 9.52
C GLU A 399 -6.19 -19.93 11.03
N ASN A 400 -6.84 -18.92 11.60
CA ASN A 400 -7.10 -18.92 13.04
C ASN A 400 -7.99 -20.10 13.42
N GLY A 401 -9.01 -20.37 12.61
CA GLY A 401 -9.86 -21.51 12.89
C GLY A 401 -9.11 -22.83 12.87
N VAL A 402 -8.24 -23.00 11.87
CA VAL A 402 -7.46 -24.23 11.79
C VAL A 402 -6.53 -24.35 12.99
N ARG A 403 -5.89 -23.26 13.38
CA ARG A 403 -5.00 -23.30 14.53
C ARG A 403 -5.76 -23.66 15.79
N ARG A 404 -6.94 -23.07 15.98
CA ARG A 404 -7.76 -23.39 17.14
C ARG A 404 -8.13 -24.86 17.14
N LEU A 405 -8.55 -25.38 15.98
CA LEU A 405 -8.94 -26.78 15.90
C LEU A 405 -7.77 -27.69 16.26
N VAL A 406 -6.59 -27.38 15.75
CA VAL A 406 -5.42 -28.19 16.04
C VAL A 406 -5.09 -28.14 17.53
N GLU A 407 -5.21 -26.96 18.15
CA GLU A 407 -4.83 -26.81 19.54
C GLU A 407 -5.74 -27.58 20.50
N THR A 408 -6.86 -28.11 20.03
CA THR A 408 -7.75 -28.85 20.92
C THR A 408 -7.02 -30.08 21.45
N PRO A 409 -7.20 -30.42 22.74
CA PRO A 409 -6.42 -31.53 23.31
C PRO A 409 -6.63 -32.85 22.58
N CYS A 410 -7.87 -33.15 22.16
CA CYS A 410 -8.12 -34.39 21.45
C CYS A 410 -7.38 -34.45 20.12
N ILE A 411 -7.43 -33.34 19.36
CA ILE A 411 -6.75 -33.31 18.07
C ILE A 411 -5.24 -33.43 18.25
N GLN A 412 -4.70 -32.72 19.24
CA GLN A 412 -3.27 -32.80 19.50
C GLN A 412 -2.86 -34.22 19.87
N ASP A 413 -3.64 -34.87 20.75
CA ASP A 413 -3.31 -36.23 21.15
C ASP A 413 -3.40 -37.19 19.97
N SER A 414 -4.42 -37.04 19.13
CA SER A 414 -4.51 -37.89 17.95
C SER A 414 -3.33 -37.68 17.02
N LEU A 415 -2.95 -36.43 16.79
CA LEU A 415 -1.82 -36.14 15.92
C LEU A 415 -0.54 -36.76 16.46
N ALA A 416 -0.31 -36.65 17.77
CA ALA A 416 0.86 -37.26 18.37
C ALA A 416 0.81 -38.77 18.22
N ARG A 417 -0.37 -39.37 18.39
CA ARG A 417 -0.48 -40.81 18.29
C ARG A 417 -0.17 -41.31 16.88
N TYR A 418 -0.67 -40.60 15.86
CA TYR A 418 -0.56 -41.09 14.49
C TYR A 418 0.68 -40.57 13.79
N PHE A 419 0.87 -39.26 13.73
CA PHE A 419 1.93 -38.66 12.93
C PHE A 419 3.11 -38.27 13.82
N SER A 420 4.31 -38.65 13.38
CA SER A 420 5.53 -38.26 14.06
C SER A 420 5.78 -36.76 13.86
N PRO A 421 6.37 -36.09 14.85
CA PRO A 421 6.58 -34.64 14.70
C PRO A 421 7.35 -34.29 13.45
N GLN A 422 8.36 -35.09 13.11
CA GLN A 422 9.04 -34.90 11.84
C GLN A 422 8.05 -34.96 10.69
N ALA A 423 7.05 -35.83 10.80
CA ALA A 423 6.01 -35.89 9.77
C ALA A 423 5.08 -34.70 9.86
N ARG A 424 4.66 -34.33 11.08
CA ARG A 424 3.73 -33.22 11.21
C ARG A 424 4.32 -31.93 10.67
N ARG A 425 5.64 -31.80 10.69
CA ARG A 425 6.26 -30.63 10.06
C ARG A 425 5.96 -30.59 8.57
N ARG A 426 5.99 -31.76 7.92
CA ARG A 426 5.67 -31.81 6.50
C ARG A 426 4.22 -31.41 6.25
N PHE A 427 3.31 -31.84 7.12
CA PHE A 427 1.92 -31.41 6.99
C PHE A 427 1.78 -29.90 7.17
N HIS A 428 2.51 -29.35 8.14
CA HIS A 428 2.47 -27.90 8.36
C HIS A 428 2.92 -27.17 7.11
N ALA A 429 4.02 -27.62 6.50
CA ALA A 429 4.49 -27.00 5.28
C ALA A 429 3.48 -27.17 4.15
N ALA A 430 2.83 -28.33 4.08
CA ALA A 430 1.85 -28.56 3.02
C ALA A 430 0.70 -27.57 3.12
N LEU A 431 0.20 -27.34 4.34
CA LEU A 431 -0.83 -26.32 4.52
C LEU A 431 -0.30 -24.93 4.19
N ALA A 432 0.92 -24.63 4.63
CA ALA A 432 1.51 -23.32 4.37
C ALA A 432 1.65 -23.07 2.88
N SER A 433 1.80 -24.12 2.08
CA SER A 433 1.92 -23.92 0.64
C SER A 433 0.65 -23.28 0.08
N CYS A 434 -0.51 -23.80 0.45
CA CYS A 434 -1.77 -23.19 0.01
C CYS A 434 -1.96 -21.81 0.62
N SER A 435 -1.64 -21.67 1.91
CA SER A 435 -1.81 -20.37 2.54
C SER A 435 -0.97 -19.31 1.82
N THR A 436 0.27 -19.65 1.47
CA THR A 436 1.13 -18.71 0.77
C THR A 436 0.68 -18.49 -0.67
N SER A 437 0.18 -19.54 -1.32
CA SER A 437 -0.36 -19.40 -2.67
C SER A 437 -1.54 -18.44 -2.72
N MET A 438 -2.25 -18.27 -1.61
CA MET A 438 -3.26 -17.22 -1.53
C MET A 438 -2.72 -15.91 -0.99
N LEU A 439 -1.68 -15.94 -0.16
CA LEU A 439 -1.02 -14.74 0.32
C LEU A 439 -0.40 -13.92 -0.80
N ILE A 440 0.26 -14.56 -1.75
CA ILE A 440 0.79 -13.85 -2.91
C ILE A 440 -0.31 -13.37 -3.84
N LEU A 441 -1.40 -14.14 -3.99
CA LEU A 441 -2.49 -13.67 -4.83
C LEU A 441 -3.14 -12.42 -4.28
N SER A 442 -3.36 -12.36 -2.97
CA SER A 442 -3.96 -11.15 -2.40
C SER A 442 -3.05 -9.95 -2.61
N ASN A 443 -1.74 -10.12 -2.42
CA ASN A 443 -0.81 -9.02 -2.64
C ASN A 443 -0.82 -8.58 -4.10
N LEU A 444 -0.90 -9.52 -5.03
CA LEU A 444 -0.97 -9.14 -6.44
C LEU A 444 -2.24 -8.34 -6.71
N VAL A 445 -3.36 -8.75 -6.10
CA VAL A 445 -4.60 -7.99 -6.30
C VAL A 445 -4.47 -6.60 -5.73
N PHE A 446 -3.76 -6.45 -4.61
CA PHE A 446 -3.56 -5.12 -4.04
C PHE A 446 -2.66 -4.27 -4.91
N LEU A 447 -1.62 -4.87 -5.51
CA LEU A 447 -0.65 -4.09 -6.26
C LEU A 447 -1.13 -3.77 -7.68
N GLY A 448 -1.38 -4.80 -8.48
CA GLY A 448 -1.72 -4.58 -9.87
C GLY A 448 -3.17 -4.28 -10.15
N GLY A 449 -4.05 -4.44 -9.17
CA GLY A 449 -5.47 -4.26 -9.40
C GLY A 449 -6.16 -5.55 -9.78
N ASN A 450 -7.50 -5.49 -9.78
CA ASN A 450 -8.29 -6.71 -9.93
C ASN A 450 -7.90 -7.50 -11.17
N GLU A 451 -7.57 -6.80 -12.27
CA GLU A 451 -7.31 -7.48 -13.52
C GLU A 451 -6.10 -8.40 -13.41
N VAL A 452 -5.04 -7.94 -12.74
CA VAL A 452 -3.84 -8.79 -12.59
C VAL A 452 -4.18 -10.02 -11.76
N GLY A 453 -4.94 -9.84 -10.68
CA GLY A 453 -5.33 -10.98 -9.88
C GLY A 453 -6.15 -11.97 -10.68
N LYS A 454 -7.09 -11.47 -11.49
CA LYS A 454 -7.91 -12.37 -12.30
C LYS A 454 -7.05 -13.11 -13.32
N THR A 455 -6.10 -12.42 -13.94
CA THR A 455 -5.22 -13.09 -14.90
C THR A 455 -4.43 -14.19 -14.21
N TYR A 456 -3.88 -13.90 -13.02
CA TYR A 456 -3.12 -14.92 -12.30
C TYR A 456 -4.01 -16.11 -11.93
N TRP A 457 -5.22 -15.83 -11.43
CA TRP A 457 -6.11 -16.90 -11.02
C TRP A 457 -6.51 -17.78 -12.20
N ASN A 458 -6.83 -17.17 -13.33
CA ASN A 458 -7.20 -17.96 -14.50
C ASN A 458 -6.02 -18.76 -15.03
N ARG A 459 -4.84 -18.15 -15.11
CA ARG A 459 -3.72 -18.81 -15.76
C ARG A 459 -3.13 -19.92 -14.89
N ILE A 460 -3.05 -19.69 -13.58
CA ILE A 460 -2.37 -20.65 -12.72
C ILE A 460 -3.31 -21.78 -12.32
N PHE A 461 -4.41 -21.46 -11.64
CA PHE A 461 -5.24 -22.50 -11.04
C PHE A 461 -6.20 -23.13 -12.05
N ILE A 462 -7.08 -22.32 -12.64
CA ILE A 462 -8.11 -22.89 -13.51
C ILE A 462 -7.51 -23.41 -14.81
N GLN A 463 -6.92 -22.51 -15.61
CA GLN A 463 -6.42 -22.92 -16.91
C GLN A 463 -5.29 -23.94 -16.79
N GLY A 464 -4.56 -23.92 -15.68
CA GLY A 464 -3.47 -24.86 -15.50
C GLY A 464 -3.73 -25.84 -14.37
N TRP A 465 -4.99 -26.26 -14.22
CA TRP A 465 -5.33 -27.17 -13.13
C TRP A 465 -4.51 -28.45 -13.14
N PRO A 466 -4.24 -29.10 -14.28
CA PRO A 466 -3.57 -30.40 -14.22
C PRO A 466 -2.21 -30.38 -13.55
N TRP A 467 -1.27 -29.61 -14.07
CA TRP A 467 0.12 -29.70 -13.61
C TRP A 467 0.71 -28.36 -13.19
N VAL A 468 0.21 -27.25 -13.74
CA VAL A 468 0.73 -25.94 -13.36
C VAL A 468 0.44 -25.67 -11.89
N THR A 469 -0.78 -25.98 -11.45
CA THR A 469 -1.13 -25.81 -10.05
C THR A 469 -0.23 -26.64 -9.15
N LEU A 470 0.00 -27.90 -9.53
CA LEU A 470 0.84 -28.77 -8.71
C LEU A 470 2.27 -28.26 -8.65
N SER A 471 2.79 -27.77 -9.77
CA SER A 471 4.14 -27.22 -9.78
C SER A 471 4.24 -26.01 -8.86
N VAL A 472 3.27 -25.10 -8.95
CA VAL A 472 3.29 -23.91 -8.10
C VAL A 472 3.21 -24.33 -6.63
N LEU A 473 2.33 -25.28 -6.32
CA LEU A 473 2.17 -25.69 -4.93
C LEU A 473 3.41 -26.38 -4.40
N GLY A 474 4.10 -27.16 -5.24
CA GLY A 474 5.34 -27.78 -4.79
C GLY A 474 6.44 -26.76 -4.53
N PHE A 475 6.58 -25.78 -5.43
CA PHE A 475 7.58 -24.76 -5.20
C PHE A 475 7.26 -23.95 -3.95
N LEU A 476 5.99 -23.60 -3.75
CA LEU A 476 5.61 -22.94 -2.51
C LEU A 476 5.74 -23.86 -1.31
N TYR A 477 5.73 -25.18 -1.50
CA TYR A 477 5.97 -26.09 -0.40
C TYR A 477 7.41 -26.01 0.07
N CYS A 478 8.35 -26.03 -0.87
CA CYS A 478 9.75 -25.84 -0.49
C CYS A 478 9.93 -24.46 0.15
N TYR A 479 9.30 -23.45 -0.43
CA TYR A 479 9.32 -22.10 0.12
C TYR A 479 8.84 -22.08 1.56
N SER A 480 7.73 -22.77 1.84
CA SER A 480 7.16 -22.79 3.18
C SER A 480 8.06 -23.53 4.16
N HIS A 481 8.68 -24.62 3.72
CA HIS A 481 9.62 -25.30 4.61
C HIS A 481 10.76 -24.37 5.01
N VAL A 482 11.33 -23.67 4.04
CA VAL A 482 12.40 -22.73 4.39
C VAL A 482 11.89 -21.65 5.32
N GLY A 483 10.71 -21.10 5.02
CA GLY A 483 10.17 -20.02 5.82
C GLY A 483 9.91 -20.42 7.25
N ILE A 484 9.31 -21.59 7.45
CA ILE A 484 9.02 -22.05 8.81
C ILE A 484 10.31 -22.39 9.54
N ALA A 485 11.27 -23.01 8.85
CA ALA A 485 12.54 -23.33 9.49
C ALA A 485 13.22 -22.06 9.98
N TRP A 486 13.19 -21.00 9.18
CA TRP A 486 13.76 -19.73 9.63
C TRP A 486 12.94 -19.13 10.76
N ALA A 487 11.62 -19.07 10.61
CA ALA A 487 10.77 -18.38 11.57
C ALA A 487 10.64 -19.12 12.89
N GLN A 488 11.15 -20.34 12.98
CA GLN A 488 11.13 -21.03 14.26
C GLN A 488 11.89 -20.27 15.33
N THR A 489 12.79 -19.36 14.94
CA THR A 489 13.59 -18.64 15.93
C THR A 489 12.76 -17.60 16.66
N TYR A 490 12.24 -16.60 15.93
CA TYR A 490 11.59 -15.46 16.56
C TYR A 490 10.13 -15.71 16.93
N ALA A 491 9.41 -16.52 16.14
CA ALA A 491 7.98 -16.66 16.37
C ALA A 491 7.67 -17.29 17.72
N THR A 492 8.56 -18.17 18.21
CA THR A 492 8.27 -18.88 19.45
C THR A 492 8.08 -17.93 20.62
N ASP A 493 8.93 -16.92 20.72
CA ASP A 493 8.86 -15.95 21.82
C ASP A 493 8.41 -14.59 21.31
N GLN B 23 -0.86 17.26 -14.37
CA GLN B 23 -2.28 17.43 -14.12
C GLN B 23 -3.09 16.99 -15.32
N VAL B 24 -3.54 15.73 -15.31
CA VAL B 24 -4.33 15.21 -16.41
C VAL B 24 -5.64 15.98 -16.51
N GLN B 25 -6.03 16.32 -17.74
CA GLN B 25 -7.25 17.07 -17.99
C GLN B 25 -8.09 16.29 -18.99
N LEU B 26 -9.34 16.00 -18.61
CA LEU B 26 -10.27 15.29 -19.47
C LEU B 26 -11.34 16.27 -19.96
N VAL B 27 -11.48 16.38 -21.27
CA VAL B 27 -12.43 17.31 -21.89
C VAL B 27 -13.39 16.48 -22.74
N GLU B 28 -14.68 16.66 -22.51
CA GLU B 28 -15.70 15.95 -23.27
C GLU B 28 -15.95 16.63 -24.62
N SER B 29 -16.75 15.98 -25.44
CA SER B 29 -17.08 16.49 -26.76
C SER B 29 -18.45 15.96 -27.17
N GLY B 30 -18.98 16.51 -28.25
CA GLY B 30 -20.27 16.09 -28.77
C GLY B 30 -21.37 16.17 -27.72
N LYS B 809 -31.24 9.23 -35.27
CA LYS B 809 -29.80 9.48 -35.21
C LYS B 809 -29.27 9.13 -33.83
N SER B 810 -27.95 9.12 -33.68
CA SER B 810 -27.30 8.79 -32.42
C SER B 810 -26.24 9.81 -32.08
N LEU B 811 -25.88 9.87 -30.81
CA LEU B 811 -24.93 10.84 -30.27
C LEU B 811 -23.70 10.11 -29.76
N ARG B 812 -22.52 10.58 -30.16
CA ARG B 812 -21.25 9.97 -29.79
C ARG B 812 -20.52 10.90 -28.83
N LEU B 813 -20.27 10.43 -27.62
CA LEU B 813 -19.54 11.19 -26.62
C LEU B 813 -18.06 10.83 -26.65
N SER B 814 -17.25 11.62 -25.96
CA SER B 814 -15.81 11.41 -25.97
C SER B 814 -15.20 11.93 -24.67
N CYS B 815 -14.02 11.41 -24.35
CA CYS B 815 -13.24 11.87 -23.20
C CYS B 815 -11.78 11.70 -23.57
N THR B 816 -11.13 12.80 -23.95
CA THR B 816 -9.78 12.77 -24.52
C THR B 816 -8.80 13.30 -23.48
N ALA B 817 -8.15 12.39 -22.77
CA ALA B 817 -7.15 12.79 -21.80
C ALA B 817 -5.95 13.39 -22.53
N SER B 818 -5.23 14.28 -21.84
CA SER B 818 -4.04 14.91 -22.37
C SER B 818 -2.96 14.93 -21.30
N GLY B 819 -1.71 14.79 -21.73
CA GLY B 819 -0.59 14.80 -20.80
C GLY B 819 -0.70 13.72 -19.77
N ALA B 820 -1.03 12.50 -20.20
CA ALA B 820 -1.23 11.39 -19.28
C ALA B 820 -0.88 10.08 -19.97
N ILE B 821 -0.36 9.14 -19.18
CA ILE B 821 -0.07 7.80 -19.69
C ILE B 821 -1.38 7.04 -19.72
N PHE B 822 -2.07 7.10 -20.85
CA PHE B 822 -3.43 6.61 -20.92
C PHE B 822 -3.51 5.10 -21.00
N SER B 823 -2.38 4.40 -21.13
CA SER B 823 -2.41 2.95 -21.24
C SER B 823 -2.87 2.28 -19.95
N THR B 824 -2.93 3.00 -18.83
CA THR B 824 -3.25 2.40 -17.54
C THR B 824 -4.57 2.88 -16.94
N TYR B 825 -5.09 4.01 -17.38
CA TYR B 825 -6.29 4.56 -16.77
C TYR B 825 -7.50 3.70 -17.08
N ASP B 826 -8.35 3.49 -16.06
CA ASP B 826 -9.60 2.78 -16.21
C ASP B 826 -10.72 3.81 -16.33
N VAL B 827 -10.83 4.41 -17.52
CA VAL B 827 -11.81 5.48 -17.70
C VAL B 827 -13.21 4.94 -17.44
N SER B 828 -14.13 5.87 -17.21
CA SER B 828 -15.51 5.52 -16.90
C SER B 828 -16.39 6.65 -17.39
N TRP B 829 -17.70 6.42 -17.37
CA TRP B 829 -18.68 7.40 -17.81
C TRP B 829 -19.83 7.43 -16.81
N TYR B 830 -19.80 8.40 -15.90
CA TYR B 830 -20.87 8.62 -14.95
C TYR B 830 -21.83 9.65 -15.49
N ARG B 831 -23.12 9.43 -15.29
CA ARG B 831 -24.16 10.37 -15.69
C ARG B 831 -24.99 10.76 -14.48
N GLN B 832 -25.34 12.04 -14.41
CA GLN B 832 -26.09 12.59 -13.28
C GLN B 832 -27.33 13.29 -13.83
N ALA B 833 -28.46 12.59 -13.80
CA ALA B 833 -29.71 13.24 -14.12
C ALA B 833 -30.08 14.23 -13.03
N PRO B 834 -30.81 15.29 -13.36
CA PRO B 834 -31.11 16.32 -12.34
C PRO B 834 -31.85 15.75 -11.15
N GLU B 835 -31.52 16.25 -9.97
CA GLU B 835 -32.15 15.83 -8.71
C GLU B 835 -31.92 14.36 -8.43
N LYS B 836 -30.79 13.83 -8.86
CA LYS B 836 -30.42 12.44 -8.63
C LYS B 836 -28.92 12.35 -8.45
N PRO B 837 -28.43 11.32 -7.78
CA PRO B 837 -26.98 11.17 -7.60
C PRO B 837 -26.31 10.69 -8.88
N ARG B 838 -25.01 11.00 -8.98
CA ARG B 838 -24.22 10.50 -10.10
C ARG B 838 -24.17 8.97 -10.05
N GLU B 839 -24.38 8.34 -11.20
CA GLU B 839 -24.52 6.90 -11.30
C GLU B 839 -23.69 6.38 -12.45
N LEU B 840 -23.16 5.16 -12.28
CA LEU B 840 -22.27 4.59 -13.27
C LEU B 840 -23.05 4.14 -14.51
N VAL B 841 -22.48 4.41 -15.68
CA VAL B 841 -23.07 4.03 -16.96
C VAL B 841 -22.24 2.95 -17.64
N ALA B 842 -20.97 3.26 -17.93
CA ALA B 842 -20.09 2.32 -18.62
C ALA B 842 -18.67 2.55 -18.15
N ILE B 843 -18.00 1.46 -17.77
CA ILE B 843 -16.61 1.49 -17.32
C ILE B 843 -15.82 0.55 -18.21
N ILE B 844 -14.69 1.02 -18.72
CA ILE B 844 -13.78 0.21 -19.52
C ILE B 844 -12.43 0.24 -18.81
N THR B 845 -11.92 -0.93 -18.45
CA THR B 845 -10.72 -1.03 -17.64
C THR B 845 -9.48 -0.91 -18.54
N ARG B 846 -8.31 -1.22 -17.99
CA ARG B 846 -7.06 -1.09 -18.72
C ARG B 846 -6.63 -2.37 -19.41
N GLY B 847 -7.35 -3.47 -19.20
CA GLY B 847 -7.12 -4.70 -19.92
C GLY B 847 -8.13 -4.98 -21.01
N GLY B 848 -8.96 -4.00 -21.37
CA GLY B 848 -10.01 -4.19 -22.34
C GLY B 848 -11.33 -4.64 -21.76
N ASN B 849 -11.33 -5.15 -20.53
CA ASN B 849 -12.56 -5.58 -19.90
C ASN B 849 -13.56 -4.44 -19.86
N THR B 850 -14.79 -4.72 -20.24
CA THR B 850 -15.85 -3.72 -20.33
C THR B 850 -17.01 -4.12 -19.43
N HIS B 851 -17.61 -3.14 -18.77
CA HIS B 851 -18.78 -3.37 -17.94
C HIS B 851 -19.79 -2.26 -18.20
N TYR B 852 -21.07 -2.60 -18.10
CA TYR B 852 -22.14 -1.67 -18.40
C TYR B 852 -23.16 -1.66 -17.27
N ALA B 853 -23.82 -0.52 -17.11
CA ALA B 853 -24.93 -0.43 -16.18
C ALA B 853 -26.10 -1.26 -16.70
N ASP B 854 -26.85 -1.84 -15.76
CA ASP B 854 -27.90 -2.78 -16.15
C ASP B 854 -28.92 -2.13 -17.08
N THR B 855 -29.31 -0.90 -16.78
CA THR B 855 -30.39 -0.26 -17.52
C THR B 855 -30.02 0.00 -18.98
N VAL B 856 -28.73 0.06 -19.31
CA VAL B 856 -28.31 0.52 -20.64
C VAL B 856 -27.45 -0.54 -21.30
N LYS B 857 -27.68 -1.80 -20.98
CA LYS B 857 -26.87 -2.87 -21.54
C LYS B 857 -27.27 -3.14 -22.99
N GLY B 858 -26.28 -3.47 -23.80
CA GLY B 858 -26.50 -3.69 -25.23
C GLY B 858 -26.64 -2.42 -26.06
N ARG B 859 -27.49 -1.49 -25.63
CA ARG B 859 -27.68 -0.26 -26.38
C ARG B 859 -26.42 0.59 -26.40
N PHE B 860 -25.74 0.71 -25.26
CA PHE B 860 -24.56 1.54 -25.15
C PHE B 860 -23.31 0.74 -25.46
N THR B 861 -22.40 1.35 -26.22
CA THR B 861 -21.09 0.78 -26.49
C THR B 861 -20.02 1.76 -26.04
N ILE B 862 -19.01 1.25 -25.35
CA ILE B 862 -17.89 2.05 -24.87
C ILE B 862 -16.60 1.45 -25.42
N SER B 863 -15.78 2.30 -26.05
CA SER B 863 -14.55 1.86 -26.68
C SER B 863 -13.46 2.88 -26.39
N ARG B 864 -12.21 2.46 -26.59
CA ARG B 864 -11.08 3.32 -26.32
C ARG B 864 -9.94 3.00 -27.29
N ASP B 865 -9.04 3.97 -27.44
CA ASP B 865 -7.88 3.82 -28.32
C ASP B 865 -6.70 4.49 -27.62
N ASN B 866 -5.82 3.66 -27.03
CA ASN B 866 -4.69 4.21 -26.29
C ASN B 866 -3.77 5.01 -27.18
N ALA B 867 -3.77 4.75 -28.49
CA ALA B 867 -2.84 5.44 -29.37
C ALA B 867 -3.08 6.95 -29.35
N LYS B 868 -4.34 7.37 -29.40
CA LYS B 868 -4.69 8.78 -29.38
C LYS B 868 -5.13 9.26 -28.01
N LYS B 869 -5.12 8.40 -26.99
CA LYS B 869 -5.54 8.78 -25.64
C LYS B 869 -6.96 9.33 -25.66
N THR B 870 -7.88 8.52 -26.19
CA THR B 870 -9.27 8.93 -26.35
C THR B 870 -10.19 7.83 -25.86
N VAL B 871 -11.38 8.26 -25.40
CA VAL B 871 -12.46 7.35 -25.08
C VAL B 871 -13.69 7.82 -25.85
N ASN B 872 -14.63 6.91 -26.07
CA ASN B 872 -15.83 7.25 -26.80
C ASN B 872 -16.98 6.40 -26.30
N LEU B 873 -18.06 7.04 -25.87
CA LEU B 873 -19.29 6.36 -25.49
C LEU B 873 -20.29 6.52 -26.62
N GLN B 874 -20.83 5.40 -27.10
CA GLN B 874 -21.81 5.38 -28.18
C GLN B 874 -23.17 5.03 -27.58
N MET B 875 -24.06 6.00 -27.52
CA MET B 875 -25.41 5.79 -27.04
C MET B 875 -26.34 5.60 -28.24
N ASN B 876 -27.14 4.54 -28.22
CA ASN B 876 -28.07 4.23 -29.28
C ASN B 876 -29.46 4.02 -28.70
N SER B 877 -30.48 4.33 -29.49
CA SER B 877 -31.88 4.19 -29.07
C SER B 877 -32.14 5.00 -27.80
N LEU B 878 -31.97 6.31 -27.91
CA LEU B 878 -32.15 7.19 -26.77
C LEU B 878 -33.62 7.20 -26.35
N LYS B 879 -33.84 7.50 -25.08
CA LYS B 879 -35.16 7.61 -24.48
C LYS B 879 -35.23 8.90 -23.68
N PRO B 880 -36.43 9.34 -23.30
CA PRO B 880 -36.53 10.61 -22.56
C PRO B 880 -35.71 10.64 -21.28
N GLU B 881 -35.46 9.48 -20.67
CA GLU B 881 -34.73 9.46 -19.40
C GLU B 881 -33.27 9.83 -19.59
N ASP B 882 -32.67 9.45 -20.72
CA ASP B 882 -31.22 9.54 -20.86
C ASP B 882 -30.71 10.96 -20.69
N THR B 883 -31.56 11.96 -20.86
CA THR B 883 -31.15 13.35 -20.65
C THR B 883 -30.52 13.51 -19.28
N ALA B 884 -29.26 13.91 -19.26
CA ALA B 884 -28.51 14.07 -18.01
C ALA B 884 -27.19 14.74 -18.35
N VAL B 885 -26.31 14.84 -17.36
CA VAL B 885 -24.94 15.33 -17.53
C VAL B 885 -24.00 14.15 -17.39
N TYR B 886 -23.14 13.95 -18.39
CA TYR B 886 -22.25 12.79 -18.45
C TYR B 886 -20.85 13.21 -18.06
N TYR B 887 -20.30 12.55 -17.05
CA TYR B 887 -18.97 12.86 -16.51
C TYR B 887 -18.01 11.71 -16.79
N CYS B 888 -16.89 12.04 -17.43
CA CYS B 888 -15.79 11.11 -17.54
C CYS B 888 -15.09 10.96 -16.19
N HIS B 889 -14.32 9.89 -16.04
CA HIS B 889 -13.58 9.69 -14.79
C HIS B 889 -12.45 8.71 -15.06
N ALA B 890 -11.21 9.19 -15.01
CA ALA B 890 -10.04 8.41 -15.38
C ALA B 890 -9.27 8.04 -14.12
N GLY B 891 -9.54 6.86 -13.58
CA GLY B 891 -8.91 6.42 -12.34
C GLY B 891 -8.17 5.12 -12.52
N VAL B 892 -7.03 5.01 -11.85
CA VAL B 892 -6.17 3.84 -11.97
C VAL B 892 -6.64 2.77 -10.99
N GLN B 893 -6.16 1.55 -11.19
CA GLN B 893 -6.43 0.44 -10.30
C GLN B 893 -5.12 -0.27 -10.01
N GLY B 894 -4.60 -0.13 -8.80
CA GLY B 894 -3.37 -0.80 -8.42
C GLY B 894 -2.46 0.07 -7.59
N ALA B 895 -1.89 -0.48 -6.52
CA ALA B 895 -1.08 0.32 -5.62
C ALA B 895 0.22 0.78 -6.26
N MET B 896 0.65 0.17 -7.36
CA MET B 896 1.83 0.69 -8.04
C MET B 896 1.49 1.98 -8.77
N LEU B 897 0.32 2.03 -9.41
CA LEU B 897 -0.05 3.20 -10.19
C LEU B 897 -0.38 4.39 -9.30
N GLY B 898 -1.00 4.14 -8.15
CA GLY B 898 -1.21 5.18 -7.17
C GLY B 898 -2.65 5.63 -7.06
N PRO B 899 -2.87 6.72 -6.33
CA PRO B 899 -4.22 7.30 -6.18
C PRO B 899 -4.51 8.40 -7.21
N ARG B 900 -4.35 8.08 -8.49
CA ARG B 900 -4.71 9.02 -9.54
C ARG B 900 -6.20 8.96 -9.79
N ASN B 901 -6.83 10.13 -9.93
CA ASN B 901 -8.26 10.18 -10.19
C ASN B 901 -8.57 11.58 -10.72
N TYR B 902 -9.03 11.66 -11.97
CA TYR B 902 -9.27 12.94 -12.63
C TYR B 902 -10.67 12.97 -13.23
N TRP B 903 -11.66 13.36 -12.41
CA TRP B 903 -13.00 13.57 -12.93
C TRP B 903 -12.96 14.59 -14.06
N GLY B 904 -13.72 14.33 -15.11
CA GLY B 904 -13.83 15.29 -16.17
C GLY B 904 -14.79 16.41 -15.82
N GLN B 905 -14.79 17.44 -16.66
CA GLN B 905 -15.69 18.57 -16.44
C GLN B 905 -17.15 18.11 -16.51
N GLY B 906 -17.50 17.36 -17.54
CA GLY B 906 -18.86 16.95 -17.77
C GLY B 906 -19.48 17.69 -18.95
N THR B 907 -20.53 17.09 -19.50
CA THR B 907 -21.24 17.65 -20.64
C THR B 907 -22.73 17.33 -20.52
N GLN B 908 -23.52 18.11 -21.25
CA GLN B 908 -24.97 18.00 -21.22
C GLN B 908 -25.46 17.14 -22.38
N VAL B 909 -26.46 16.31 -22.12
CA VAL B 909 -27.11 15.50 -23.14
C VAL B 909 -28.61 15.62 -22.94
N THR B 910 -29.35 15.89 -24.02
CA THR B 910 -30.76 16.19 -23.94
C THR B 910 -31.52 15.53 -25.09
N VAL B 911 -32.71 15.03 -24.77
CA VAL B 911 -33.66 14.52 -25.78
C VAL B 911 -35.07 14.76 -25.26
N SER B 912 -35.90 15.39 -26.08
CA SER B 912 -37.28 15.70 -25.70
C SER B 912 -37.32 16.57 -24.45
#